data_4U5Y
#
_entry.id   4U5Y
#
_cell.length_a   62.478
_cell.length_b   66.524
_cell.length_c   138.539
_cell.angle_alpha   90.00
_cell.angle_beta   90.00
_cell.angle_gamma   90.00
#
_symmetry.space_group_name_H-M   'C 2 2 21'
#
loop_
_entity.id
_entity.type
_entity.pdbx_description
1 polymer 'Acyl-CoA synthetase'
2 polymer 'Acetyl-coenzyme A synthetase'
3 non-polymer 'SULFATE ION'
4 water water
#
loop_
_entity_poly.entity_id
_entity_poly.type
_entity_poly.pdbx_seq_one_letter_code
_entity_poly.pdbx_strand_id
1 'polypeptide(L)'
;MSYASRTLGPMQTSSDRHEYPAHWEADVVLRDGGTARVRPITVDDAERLVSFYEQVSDESKYYRFFAPYPRLCAKDVHRF
THHDFVDRVGLAATIGGEFIATVRYDRIGAGGTPATAPADEAEVAFLVQDAHQGRGVASALLEHIAAVARERGIRRFAAE
VLPANNKMIKVFMDAGYTQKRSFEDGVVRLEFDL
;
A
2 'polypeptide(L)'
;DVLNVSGHRLGTAEIESALVAHPKIAEAAVVGIPHAIKGQAIYAYVTLNCGEEPSPELYAEVRNWVRKEIGPLATPDVLH
WTDSLPKTRSGKIMRRILRKIAAGDTSNLGDTSTLADPGVVEKLLEEKQAIAMPS
;
D
#
loop_
_chem_comp.id
_chem_comp.type
_chem_comp.name
_chem_comp.formula
SO4 non-polymer 'SULFATE ION' 'O4 S -2'
#
# COMPACT_ATOMS: atom_id res chain seq x y z
N TYR A 20 13.02 -19.80 12.21
CA TYR A 20 13.70 -18.52 12.37
C TYR A 20 14.44 -18.47 13.70
N PRO A 21 15.48 -17.64 13.80
CA PRO A 21 16.25 -17.48 15.04
C PRO A 21 15.38 -17.06 16.24
N ALA A 22 15.65 -17.66 17.40
CA ALA A 22 14.85 -17.44 18.60
C ALA A 22 14.88 -15.99 19.06
N HIS A 23 15.99 -15.30 18.83
CA HIS A 23 16.08 -13.91 19.25
C HIS A 23 15.27 -12.96 18.34
N TRP A 24 14.69 -13.45 17.24
CA TRP A 24 13.77 -12.58 16.47
C TRP A 24 12.44 -12.40 17.18
N GLU A 25 12.13 -13.26 18.15
CA GLU A 25 10.94 -13.07 18.98
C GLU A 25 11.37 -12.46 20.30
N ALA A 26 10.77 -11.34 20.67
CA ALA A 26 11.20 -10.63 21.87
C ALA A 26 10.12 -9.71 22.44
N ASP A 27 10.11 -9.52 23.76
CA ASP A 27 9.25 -8.51 24.37
C ASP A 27 9.91 -7.16 24.18
N VAL A 28 9.12 -6.16 23.79
CA VAL A 28 9.66 -4.81 23.68
C VAL A 28 8.94 -3.87 24.64
N VAL A 29 9.64 -2.81 25.04
CA VAL A 29 9.07 -1.90 26.01
C VAL A 29 8.37 -0.75 25.32
N LEU A 30 7.12 -0.53 25.69
CA LEU A 30 6.36 0.57 25.11
C LEU A 30 6.54 1.84 25.92
N ARG A 31 6.16 2.98 25.36
CA ARG A 31 6.37 4.27 26.03
C ARG A 31 5.62 4.39 27.35
N ASP A 32 4.57 3.61 27.52
CA ASP A 32 3.78 3.69 28.74
C ASP A 32 4.35 2.76 29.80
N GLY A 33 5.38 2.01 29.43
CA GLY A 33 6.12 1.18 30.36
C GLY A 33 5.70 -0.28 30.32
N GLY A 34 4.61 -0.56 29.61
CA GLY A 34 4.17 -1.94 29.44
C GLY A 34 4.94 -2.63 28.33
N THR A 35 4.53 -3.83 27.95
CA THR A 35 5.24 -4.53 26.89
C THR A 35 4.34 -5.06 25.78
N ALA A 36 4.94 -5.26 24.63
CA ALA A 36 4.31 -5.95 23.53
C ALA A 36 5.28 -7.01 23.05
N ARG A 37 4.75 -8.06 22.46
CA ARG A 37 5.60 -9.10 21.89
C ARG A 37 5.86 -8.78 20.43
N VAL A 38 7.13 -8.79 20.02
CA VAL A 38 7.45 -8.67 18.62
C VAL A 38 7.89 -10.07 18.15
N ARG A 39 7.37 -10.52 17.02
CA ARG A 39 7.70 -11.86 16.54
C ARG A 39 7.49 -11.98 15.03
N PRO A 40 8.19 -12.93 14.39
CA PRO A 40 7.89 -13.16 12.98
C PRO A 40 6.43 -13.55 12.77
N ILE A 41 5.85 -13.03 11.70
CA ILE A 41 4.53 -13.44 11.24
C ILE A 41 4.64 -14.82 10.60
N THR A 42 3.78 -15.76 10.98
CA THR A 42 3.88 -17.13 10.48
C THR A 42 2.70 -17.50 9.60
N VAL A 43 2.77 -18.68 9.02
CA VAL A 43 1.70 -19.16 8.16
C VAL A 43 0.39 -19.33 8.92
N ASP A 44 0.48 -19.46 10.24
CA ASP A 44 -0.71 -19.66 11.07
C ASP A 44 -1.45 -18.37 11.44
N ASP A 45 -0.92 -17.22 11.02
CA ASP A 45 -1.42 -15.93 11.46
C ASP A 45 -2.45 -15.27 10.52
N ALA A 46 -3.02 -16.01 9.57
CA ALA A 46 -3.97 -15.40 8.63
C ALA A 46 -5.13 -14.73 9.36
N GLU A 47 -5.76 -15.47 10.27
CA GLU A 47 -6.91 -14.95 10.99
C GLU A 47 -6.53 -13.72 11.84
N ARG A 48 -5.41 -13.79 12.53
CA ARG A 48 -4.96 -12.65 13.31
C ARG A 48 -4.71 -11.39 12.46
N LEU A 49 -4.14 -11.59 11.28
CA LEU A 49 -3.85 -10.47 10.38
C LEU A 49 -5.14 -9.81 9.93
N VAL A 50 -6.13 -10.66 9.61
CA VAL A 50 -7.40 -10.14 9.11
C VAL A 50 -8.15 -9.38 10.19
N SER A 51 -8.18 -9.92 11.41
CA SER A 51 -8.81 -9.26 12.55
C SER A 51 -8.16 -7.91 12.86
N PHE A 52 -6.84 -7.89 12.80
CA PHE A 52 -6.04 -6.67 12.98
C PHE A 52 -6.44 -5.62 11.97
N TYR A 53 -6.52 -6.03 10.71
CA TYR A 53 -6.76 -5.10 9.62
C TYR A 53 -8.16 -4.49 9.76
N GLU A 54 -9.09 -5.23 10.37
CA GLU A 54 -10.43 -4.70 10.59
C GLU A 54 -10.43 -3.46 11.51
N GLN A 55 -9.41 -3.37 12.35
CA GLN A 55 -9.33 -2.31 13.35
C GLN A 55 -8.51 -1.12 12.89
N VAL A 56 -7.98 -1.19 11.67
CA VAL A 56 -7.21 -0.11 11.11
C VAL A 56 -8.19 0.83 10.41
N SER A 57 -8.01 2.14 10.59
CA SER A 57 -8.93 3.10 9.98
C SER A 57 -8.78 3.17 8.46
N ASP A 58 -9.83 3.62 7.79
CA ASP A 58 -9.76 3.84 6.34
C ASP A 58 -8.58 4.74 5.96
N GLU A 59 -8.34 5.78 6.77
CA GLU A 59 -7.25 6.71 6.50
C GLU A 59 -5.88 6.03 6.56
N SER A 60 -5.65 5.25 7.60
CA SER A 60 -4.40 4.51 7.72
C SER A 60 -4.23 3.45 6.62
N LYS A 61 -5.32 2.84 6.18
CA LYS A 61 -5.21 1.88 5.07
C LYS A 61 -4.78 2.62 3.81
N TYR A 62 -5.35 3.80 3.62
CA TYR A 62 -5.03 4.60 2.46
C TYR A 62 -3.55 4.94 2.48
N TYR A 63 -3.05 5.36 3.64
CA TYR A 63 -1.65 5.73 3.76
C TYR A 63 -0.71 4.55 3.54
N ARG A 64 -1.20 3.35 3.86
CA ARG A 64 -0.38 2.14 3.73
C ARG A 64 -0.30 1.61 2.30
N PHE A 65 -1.39 1.77 1.54
CA PHE A 65 -1.45 1.19 0.20
C PHE A 65 -1.58 2.22 -0.93
N PHE A 66 -1.79 3.49 -0.55
CA PHE A 66 -1.85 4.64 -1.46
C PHE A 66 -3.14 4.65 -2.27
N ALA A 67 -4.12 3.87 -1.83
CA ALA A 67 -5.45 3.80 -2.44
C ALA A 67 -6.37 3.09 -1.45
N PRO A 68 -7.70 3.22 -1.60
CA PRO A 68 -8.58 2.52 -0.65
C PRO A 68 -8.43 1.02 -0.78
N TYR A 69 -8.27 0.37 0.35
CA TYR A 69 -8.05 -1.06 0.36
C TYR A 69 -8.70 -1.63 1.63
N PRO A 70 -10.04 -1.67 1.64
CA PRO A 70 -10.77 -1.98 2.89
C PRO A 70 -10.54 -3.40 3.41
N ARG A 71 -10.37 -4.38 2.54
CA ARG A 71 -10.03 -5.69 3.04
C ARG A 71 -8.99 -6.35 2.16
N LEU A 72 -8.14 -7.16 2.79
CA LEU A 72 -7.06 -7.80 2.07
C LEU A 72 -7.61 -8.91 1.18
N CYS A 73 -7.12 -8.99 -0.04
CA CYS A 73 -7.48 -10.10 -0.91
C CYS A 73 -6.71 -11.32 -0.43
N ALA A 74 -7.19 -12.52 -0.78
CA ALA A 74 -6.63 -13.75 -0.27
C ALA A 74 -5.15 -13.87 -0.61
N LYS A 75 -4.77 -13.45 -1.82
CA LYS A 75 -3.38 -13.52 -2.24
C LYS A 75 -2.51 -12.66 -1.36
N ASP A 76 -3.06 -11.52 -0.92
CA ASP A 76 -2.32 -10.63 -0.02
C ASP A 76 -2.18 -11.22 1.38
N VAL A 77 -3.27 -11.75 1.92
CA VAL A 77 -3.21 -12.41 3.21
C VAL A 77 -2.15 -13.50 3.17
N HIS A 78 -2.10 -14.22 2.05
CA HIS A 78 -1.10 -15.27 1.89
C HIS A 78 0.31 -14.69 1.87
N ARG A 79 0.56 -13.70 1.03
CA ARG A 79 1.93 -13.22 0.86
C ARG A 79 2.40 -12.55 2.16
N PHE A 80 1.47 -11.93 2.88
CA PHE A 80 1.81 -11.21 4.11
C PHE A 80 1.99 -12.15 5.30
N THR A 81 1.71 -13.44 5.09
CA THR A 81 1.93 -14.43 6.14
C THR A 81 2.89 -15.54 5.71
N HIS A 82 3.36 -15.50 4.47
CA HIS A 82 4.31 -16.50 3.96
C HIS A 82 5.61 -15.86 3.50
N HIS A 83 6.68 -16.08 4.27
CA HIS A 83 7.97 -15.43 4.02
C HIS A 83 9.10 -16.43 4.01
N ASP A 84 10.09 -16.18 3.17
CA ASP A 84 11.31 -16.98 3.19
C ASP A 84 12.23 -16.51 4.29
N PHE A 85 11.96 -15.32 4.81
CA PHE A 85 12.77 -14.66 5.85
C PHE A 85 14.22 -14.49 5.43
N VAL A 86 14.41 -14.27 4.13
CA VAL A 86 15.67 -13.76 3.61
C VAL A 86 15.39 -12.58 2.71
N ASP A 87 14.66 -12.84 1.63
CA ASP A 87 14.28 -11.80 0.68
C ASP A 87 13.09 -11.00 1.20
N ARG A 88 12.23 -11.68 1.96
CA ARG A 88 11.04 -11.06 2.54
C ARG A 88 10.91 -11.43 4.01
N VAL A 89 10.69 -10.42 4.86
CA VAL A 89 10.47 -10.62 6.29
C VAL A 89 9.25 -9.83 6.73
N GLY A 90 8.39 -10.44 7.54
CA GLY A 90 7.31 -9.72 8.19
C GLY A 90 7.27 -10.00 9.68
N LEU A 91 7.15 -8.93 10.47
CA LEU A 91 7.06 -9.06 11.91
C LEU A 91 5.76 -8.44 12.39
N ALA A 92 5.23 -8.94 13.50
CA ALA A 92 4.04 -8.35 14.11
C ALA A 92 4.38 -7.92 15.53
N ALA A 93 3.73 -6.86 16.01
CA ALA A 93 3.72 -6.56 17.43
C ALA A 93 2.39 -7.03 17.98
N THR A 94 2.40 -7.76 19.10
CA THR A 94 1.17 -8.31 19.67
C THR A 94 0.98 -7.95 21.15
N ILE A 95 -0.27 -7.79 21.55
CA ILE A 95 -0.60 -7.66 22.96
C ILE A 95 -1.75 -8.63 23.21
N GLY A 96 -1.57 -9.51 24.21
CA GLY A 96 -2.53 -10.56 24.48
C GLY A 96 -2.78 -11.45 23.27
N GLY A 97 -1.75 -11.64 22.45
CA GLY A 97 -1.85 -12.51 21.29
C GLY A 97 -2.40 -11.86 20.02
N GLU A 98 -3.00 -10.70 20.16
CA GLU A 98 -3.62 -9.97 19.05
C GLU A 98 -2.59 -9.08 18.33
N PHE A 99 -2.58 -9.06 16.99
CA PHE A 99 -1.76 -8.12 16.22
C PHE A 99 -2.21 -6.68 16.50
N ILE A 100 -1.27 -5.81 16.86
CA ILE A 100 -1.59 -4.39 16.90
C ILE A 100 -0.80 -3.59 15.85
N ALA A 101 0.19 -4.23 15.23
CA ALA A 101 1.00 -3.58 14.18
C ALA A 101 1.80 -4.61 13.41
N THR A 102 2.16 -4.26 12.18
CA THR A 102 3.07 -5.11 11.41
C THR A 102 4.14 -4.25 10.77
N VAL A 103 5.26 -4.88 10.43
CA VAL A 103 6.32 -4.24 9.70
C VAL A 103 6.90 -5.30 8.77
N ARG A 104 7.38 -4.91 7.60
CA ARG A 104 7.96 -5.91 6.69
C ARG A 104 9.00 -5.29 5.77
N TYR A 105 9.91 -6.13 5.25
CA TYR A 105 10.75 -5.67 4.15
C TYR A 105 10.68 -6.63 2.96
N ASP A 106 10.88 -6.09 1.77
CA ASP A 106 10.91 -6.86 0.52
C ASP A 106 12.17 -6.49 -0.24
N ARG A 107 13.08 -7.45 -0.40
CA ARG A 107 14.31 -7.21 -1.15
C ARG A 107 13.94 -6.73 -2.56
N ILE A 108 14.62 -5.70 -3.04
CA ILE A 108 14.36 -5.19 -4.37
C ILE A 108 15.22 -5.89 -5.43
N ALA A 119 19.90 -7.41 -5.48
CA ALA A 119 20.27 -6.19 -4.78
C ALA A 119 20.33 -6.41 -3.27
N ASP A 120 20.89 -5.44 -2.56
CA ASP A 120 20.97 -5.48 -1.12
C ASP A 120 20.16 -4.33 -0.54
N GLU A 121 19.20 -3.86 -1.34
CA GLU A 121 18.23 -2.86 -0.89
C GLU A 121 16.86 -3.53 -0.74
N ALA A 122 16.08 -3.08 0.24
CA ALA A 122 14.75 -3.65 0.44
C ALA A 122 13.74 -2.55 0.73
N GLU A 123 12.52 -2.73 0.25
CA GLU A 123 11.47 -1.79 0.58
C GLU A 123 10.91 -2.13 1.95
N VAL A 124 10.67 -1.11 2.79
CA VAL A 124 10.09 -1.36 4.11
C VAL A 124 8.72 -0.67 4.21
N ALA A 125 7.78 -1.30 4.93
CA ALA A 125 6.47 -0.70 5.17
C ALA A 125 6.01 -1.10 6.57
N PHE A 126 5.25 -0.24 7.25
CA PHE A 126 4.65 -0.69 8.48
C PHE A 126 3.23 -0.16 8.57
N LEU A 127 2.49 -0.72 9.52
CA LEU A 127 1.10 -0.34 9.72
C LEU A 127 0.74 -0.57 11.17
N VAL A 128 0.17 0.45 11.81
CA VAL A 128 -0.21 0.32 13.21
C VAL A 128 -1.71 0.62 13.35
N GLN A 129 -2.40 -0.16 14.18
CA GLN A 129 -3.79 0.15 14.49
C GLN A 129 -3.89 1.55 15.07
N ASP A 130 -4.87 2.32 14.65
CA ASP A 130 -4.89 3.74 14.99
C ASP A 130 -4.94 3.98 16.49
N ALA A 131 -5.66 3.11 17.20
CA ALA A 131 -5.82 3.25 18.66
C ALA A 131 -4.51 3.05 19.41
N HIS A 132 -3.53 2.41 18.76
CA HIS A 132 -2.25 2.13 19.41
C HIS A 132 -1.11 3.00 18.88
N GLN A 133 -1.42 4.04 18.12
CA GLN A 133 -0.38 4.96 17.68
C GLN A 133 0.24 5.72 18.85
N GLY A 134 1.52 6.09 18.71
CA GLY A 134 2.20 6.89 19.71
C GLY A 134 2.67 6.13 20.95
N ARG A 135 2.59 4.81 20.92
CA ARG A 135 2.96 3.98 22.06
C ARG A 135 4.40 3.46 21.97
N GLY A 136 5.09 3.79 20.91
CA GLY A 136 6.45 3.29 20.70
C GLY A 136 6.50 2.01 19.89
N VAL A 137 5.34 1.56 19.42
CA VAL A 137 5.28 0.32 18.66
C VAL A 137 5.95 0.48 17.30
N ALA A 138 5.61 1.54 16.57
CA ALA A 138 6.23 1.76 15.26
C ALA A 138 7.76 1.85 15.37
N SER A 139 8.25 2.57 16.36
CA SER A 139 9.69 2.74 16.55
C SER A 139 10.38 1.42 16.87
N ALA A 140 9.78 0.61 17.73
CA ALA A 140 10.35 -0.70 18.05
C ALA A 140 10.38 -1.60 16.81
N LEU A 141 9.30 -1.61 16.04
CA LEU A 141 9.24 -2.48 14.86
C LEU A 141 10.31 -2.11 13.83
N LEU A 142 10.55 -0.81 13.66
CA LEU A 142 11.57 -0.37 12.70
C LEU A 142 12.98 -0.79 13.13
N GLU A 143 13.27 -0.68 14.41
CA GLU A 143 14.52 -1.16 14.98
C GLU A 143 14.69 -2.65 14.80
N HIS A 144 13.61 -3.39 15.03
CA HIS A 144 13.68 -4.85 14.95
C HIS A 144 13.83 -5.36 13.52
N ILE A 145 13.14 -4.75 12.58
CA ILE A 145 13.21 -5.19 11.19
C ILE A 145 14.60 -4.86 10.63
N ALA A 146 15.19 -3.75 11.07
CA ALA A 146 16.56 -3.41 10.67
C ALA A 146 17.55 -4.47 11.17
N ALA A 147 17.36 -4.90 12.41
CA ALA A 147 18.27 -5.88 13.03
C ALA A 147 18.22 -7.21 12.27
N VAL A 148 17.03 -7.59 11.84
CA VAL A 148 16.87 -8.82 11.06
C VAL A 148 17.52 -8.66 9.69
N ALA A 149 17.28 -7.52 9.06
CA ALA A 149 17.83 -7.24 7.75
C ALA A 149 19.36 -7.30 7.75
N ARG A 150 19.97 -6.78 8.81
CA ARG A 150 21.44 -6.81 8.91
C ARG A 150 21.96 -8.26 8.95
N GLU A 151 21.18 -9.16 9.52
CA GLU A 151 21.53 -10.59 9.53
C GLU A 151 21.36 -11.30 8.18
N ARG A 152 20.61 -10.68 7.26
CA ARG A 152 20.30 -11.36 6.00
C ARG A 152 20.90 -10.62 4.82
N GLY A 153 21.89 -9.80 5.10
CA GLY A 153 22.67 -9.15 4.05
C GLY A 153 21.92 -8.06 3.31
N ILE A 154 21.04 -7.35 4.01
CA ILE A 154 20.42 -6.17 3.42
C ILE A 154 21.25 -4.96 3.78
N ARG A 155 21.61 -4.14 2.79
CA ARG A 155 22.45 -2.97 3.04
C ARG A 155 21.67 -1.66 3.19
N ARG A 156 20.49 -1.60 2.61
CA ARG A 156 19.71 -0.38 2.71
C ARG A 156 18.21 -0.65 2.72
N PHE A 157 17.49 0.20 3.46
CA PHE A 157 16.04 0.22 3.41
C PHE A 157 15.58 1.43 2.62
N ALA A 158 14.52 1.26 1.84
CA ALA A 158 13.83 2.38 1.21
C ALA A 158 12.34 2.30 1.54
N ALA A 159 11.73 3.45 1.84
CA ALA A 159 10.31 3.50 2.09
C ALA A 159 9.69 4.62 1.26
N GLU A 160 8.53 4.36 0.66
CA GLU A 160 7.77 5.42 0.02
C GLU A 160 6.60 5.82 0.93
N VAL A 161 6.41 7.12 1.10
CA VAL A 161 5.40 7.67 2.00
C VAL A 161 4.68 8.82 1.31
N LEU A 162 3.35 8.90 1.50
CA LEU A 162 2.58 10.03 0.98
C LEU A 162 2.93 11.28 1.78
N PRO A 163 3.09 12.41 1.08
CA PRO A 163 3.69 13.59 1.72
C PRO A 163 2.88 14.16 2.89
N ALA A 164 1.57 13.96 2.91
CA ALA A 164 0.71 14.48 3.99
C ALA A 164 0.65 13.60 5.23
N ASN A 165 1.27 12.43 5.17
CA ASN A 165 1.25 11.45 6.27
C ASN A 165 2.35 11.75 7.27
N ASN A 166 2.23 12.85 8.03
CA ASN A 166 3.40 13.35 8.73
C ASN A 166 3.73 12.49 9.95
N LYS A 167 2.73 11.77 10.48
CA LYS A 167 2.98 10.85 11.61
C LYS A 167 3.96 9.75 11.21
N MET A 168 3.71 9.16 10.04
CA MET A 168 4.58 8.12 9.54
C MET A 168 5.96 8.65 9.17
N ILE A 169 6.00 9.83 8.58
CA ILE A 169 7.26 10.38 8.14
C ILE A 169 8.15 10.60 9.35
N LYS A 170 7.55 11.11 10.42
CA LYS A 170 8.29 11.37 11.64
C LYS A 170 8.86 10.08 12.25
N VAL A 171 8.07 8.99 12.23
CA VAL A 171 8.57 7.70 12.73
C VAL A 171 9.85 7.32 11.98
N PHE A 172 9.82 7.46 10.66
CA PHE A 172 10.98 7.11 9.85
C PHE A 172 12.16 8.06 10.13
N MET A 173 11.89 9.36 10.19
CA MET A 173 12.91 10.35 10.55
C MET A 173 13.62 10.01 11.87
N ASP A 174 12.84 9.74 12.90
CA ASP A 174 13.38 9.40 14.20
C ASP A 174 14.22 8.11 14.17
N ALA A 175 13.89 7.21 13.25
CA ALA A 175 14.62 5.96 13.11
C ALA A 175 15.88 6.12 12.29
N GLY A 176 16.16 7.35 11.86
CA GLY A 176 17.38 7.63 11.16
C GLY A 176 17.28 7.63 9.64
N TYR A 177 16.07 7.58 9.11
CA TYR A 177 15.88 7.63 7.66
C TYR A 177 16.10 9.07 7.15
N THR A 178 16.49 9.21 5.89
CA THR A 178 16.61 10.53 5.31
C THR A 178 15.87 10.58 3.98
N GLN A 179 15.36 11.76 3.64
CA GLN A 179 14.66 11.94 2.39
C GLN A 179 15.65 11.93 1.25
N LYS A 180 15.49 11.00 0.32
CA LYS A 180 16.41 10.91 -0.81
C LYS A 180 15.92 11.72 -2.01
N ARG A 181 14.65 11.58 -2.33
CA ARG A 181 14.04 12.30 -3.43
C ARG A 181 12.53 12.26 -3.25
N SER A 182 11.80 13.05 -4.04
CA SER A 182 10.34 12.97 -4.05
C SER A 182 9.86 13.01 -5.49
N PHE A 183 8.65 12.50 -5.73
CA PHE A 183 8.21 12.28 -7.10
C PHE A 183 7.09 13.23 -7.50
N GLU A 184 6.64 13.09 -8.73
CA GLU A 184 5.64 14.00 -9.29
C GLU A 184 4.32 13.94 -8.51
N ASP A 185 4.01 12.75 -7.99
CA ASP A 185 2.78 12.52 -7.23
C ASP A 185 2.95 12.92 -5.75
N GLY A 186 4.00 13.67 -5.44
CA GLY A 186 4.30 14.09 -4.09
C GLY A 186 4.89 13.02 -3.16
N VAL A 187 4.93 11.77 -3.62
CA VAL A 187 5.46 10.67 -2.80
C VAL A 187 6.92 10.90 -2.44
N VAL A 188 7.27 10.68 -1.18
CA VAL A 188 8.64 10.83 -0.74
C VAL A 188 9.35 9.48 -0.62
N ARG A 189 10.60 9.40 -1.11
CA ARG A 189 11.44 8.23 -0.93
C ARG A 189 12.39 8.44 0.24
N LEU A 190 12.24 7.64 1.30
CA LEU A 190 13.09 7.73 2.48
C LEU A 190 14.05 6.55 2.46
N GLU A 191 15.30 6.77 2.85
CA GLU A 191 16.30 5.72 2.81
C GLU A 191 17.02 5.62 4.14
N PHE A 192 17.46 4.41 4.48
CA PHE A 192 18.19 4.15 5.71
C PHE A 192 19.32 3.17 5.44
N ASP A 193 20.55 3.60 5.66
CA ASP A 193 21.71 2.73 5.50
C ASP A 193 21.83 1.83 6.72
N LEU A 194 21.79 0.53 6.49
CA LEU A 194 21.85 -0.45 7.58
C LEU A 194 23.28 -0.77 7.99
N GLY B 11 -12.06 15.21 -4.33
CA GLY B 11 -10.72 14.76 -4.67
C GLY B 11 -10.69 13.31 -5.13
N THR B 12 -9.51 12.85 -5.53
CA THR B 12 -9.37 11.50 -6.05
C THR B 12 -9.71 10.41 -5.03
N ALA B 13 -9.37 10.61 -3.76
CA ALA B 13 -9.59 9.57 -2.76
C ALA B 13 -11.09 9.29 -2.58
N GLU B 14 -11.88 10.35 -2.63
CA GLU B 14 -13.32 10.25 -2.54
C GLU B 14 -13.88 9.43 -3.70
N ILE B 15 -13.37 9.68 -4.90
CA ILE B 15 -13.82 8.96 -6.09
C ILE B 15 -13.39 7.49 -6.04
N GLU B 16 -12.12 7.27 -5.70
CA GLU B 16 -11.63 5.91 -5.50
C GLU B 16 -12.45 5.16 -4.45
N SER B 17 -12.77 5.82 -3.33
CA SER B 17 -13.52 5.14 -2.26
C SER B 17 -14.90 4.73 -2.75
N ALA B 18 -15.57 5.64 -3.47
CA ALA B 18 -16.86 5.34 -4.08
C ALA B 18 -16.79 4.18 -5.06
N LEU B 19 -15.74 4.15 -5.88
CA LEU B 19 -15.57 3.07 -6.84
C LEU B 19 -15.37 1.72 -6.15
N VAL B 20 -14.50 1.68 -5.15
CA VAL B 20 -14.24 0.45 -4.43
C VAL B 20 -15.51 -0.03 -3.70
N ALA B 21 -16.35 0.91 -3.31
CA ALA B 21 -17.61 0.58 -2.65
C ALA B 21 -18.54 -0.21 -3.55
N HIS B 22 -18.36 -0.09 -4.86
CA HIS B 22 -19.20 -0.82 -5.80
C HIS B 22 -18.96 -2.32 -5.63
N PRO B 23 -20.05 -3.10 -5.56
CA PRO B 23 -19.98 -4.55 -5.31
C PRO B 23 -19.06 -5.29 -6.30
N LYS B 24 -19.05 -4.87 -7.56
CA LYS B 24 -18.27 -5.55 -8.59
C LYS B 24 -16.84 -5.03 -8.75
N ILE B 25 -16.53 -3.93 -8.08
CA ILE B 25 -15.19 -3.33 -8.16
C ILE B 25 -14.36 -3.73 -6.95
N ALA B 26 -13.14 -4.22 -7.19
CA ALA B 26 -12.23 -4.60 -6.11
C ALA B 26 -11.28 -3.48 -5.71
N GLU B 27 -10.56 -2.93 -6.68
CA GLU B 27 -9.60 -1.86 -6.42
C GLU B 27 -9.81 -0.73 -7.41
N ALA B 28 -9.38 0.47 -7.03
CA ALA B 28 -9.45 1.61 -7.94
C ALA B 28 -8.40 2.66 -7.61
N ALA B 29 -7.88 3.29 -8.66
CA ALA B 29 -6.94 4.37 -8.50
C ALA B 29 -7.27 5.41 -9.57
N VAL B 30 -7.43 6.66 -9.15
CA VAL B 30 -7.94 7.71 -10.03
C VAL B 30 -6.89 8.79 -10.20
N VAL B 31 -6.69 9.24 -11.44
CA VAL B 31 -5.82 10.39 -11.66
C VAL B 31 -6.55 11.45 -12.47
N GLY B 32 -6.23 12.71 -12.22
CA GLY B 32 -6.79 13.80 -13.00
C GLY B 32 -5.78 14.23 -14.04
N ILE B 33 -6.23 14.34 -15.29
CA ILE B 33 -5.32 14.78 -16.33
C ILE B 33 -5.97 15.86 -17.22
N PRO B 34 -5.18 16.83 -17.66
CA PRO B 34 -5.68 17.86 -18.57
C PRO B 34 -6.32 17.22 -19.78
N HIS B 35 -7.49 17.73 -20.11
CA HIS B 35 -8.24 17.36 -21.30
C HIS B 35 -8.44 18.67 -22.05
N ALA B 36 -8.26 18.65 -23.36
CA ALA B 36 -8.33 19.91 -24.10
C ALA B 36 -9.78 20.31 -24.32
N ILE B 37 -10.66 19.32 -24.45
CA ILE B 37 -12.07 19.59 -24.67
C ILE B 37 -12.79 19.78 -23.34
N LYS B 38 -12.82 18.73 -22.51
CA LYS B 38 -13.21 18.85 -21.11
C LYS B 38 -12.15 19.75 -20.48
N GLY B 39 -12.34 20.18 -19.25
CA GLY B 39 -11.29 20.98 -18.63
C GLY B 39 -10.23 20.02 -18.13
N GLN B 40 -10.64 19.22 -17.16
CA GLN B 40 -9.84 18.15 -16.62
C GLN B 40 -10.63 16.86 -16.80
N ALA B 41 -9.93 15.78 -17.07
CA ALA B 41 -10.57 14.49 -17.24
C ALA B 41 -10.28 13.64 -16.02
N ILE B 42 -11.29 12.90 -15.59
CA ILE B 42 -11.09 11.99 -14.47
C ILE B 42 -10.87 10.59 -15.03
N TYR B 43 -9.66 10.07 -14.84
CA TYR B 43 -9.23 8.82 -15.45
C TYR B 43 -9.12 7.78 -14.36
N ALA B 44 -9.97 6.76 -14.41
CA ALA B 44 -10.04 5.77 -13.33
C ALA B 44 -9.57 4.39 -13.77
N TYR B 45 -8.52 3.90 -13.12
CA TYR B 45 -8.09 2.53 -13.31
C TYR B 45 -8.84 1.65 -12.31
N VAL B 46 -9.49 0.60 -12.80
CA VAL B 46 -10.39 -0.20 -11.96
C VAL B 46 -10.14 -1.69 -12.16
N THR B 47 -10.09 -2.42 -11.05
CA THR B 47 -9.93 -3.87 -11.04
C THR B 47 -11.24 -4.48 -10.52
N LEU B 48 -11.85 -5.38 -11.31
CA LEU B 48 -13.11 -6.04 -10.95
C LEU B 48 -12.86 -7.17 -10.00
N ASN B 49 -13.85 -7.63 -9.24
CA ASN B 49 -13.50 -8.73 -8.34
C ASN B 49 -13.48 -10.02 -9.13
N CYS B 50 -12.85 -11.03 -8.53
CA CYS B 50 -12.72 -12.34 -9.13
C CYS B 50 -14.07 -12.84 -9.63
N GLY B 51 -14.11 -13.31 -10.86
CA GLY B 51 -15.35 -13.82 -11.41
C GLY B 51 -16.14 -12.74 -12.12
N GLU B 52 -15.85 -11.49 -11.83
CA GLU B 52 -16.52 -10.41 -12.55
C GLU B 52 -15.77 -10.13 -13.85
N GLU B 53 -16.49 -9.67 -14.85
CA GLU B 53 -15.89 -9.42 -16.16
C GLU B 53 -16.43 -8.13 -16.78
N PRO B 54 -15.58 -7.38 -17.49
CA PRO B 54 -16.01 -6.11 -18.06
C PRO B 54 -17.09 -6.31 -19.11
N SER B 55 -17.89 -5.26 -19.34
CA SER B 55 -18.98 -5.32 -20.30
C SER B 55 -19.41 -3.90 -20.65
N PRO B 56 -20.06 -3.71 -21.81
CA PRO B 56 -20.48 -2.37 -22.22
C PRO B 56 -21.43 -1.73 -21.21
N GLU B 57 -22.17 -2.55 -20.47
CA GLU B 57 -23.20 -2.04 -19.57
C GLU B 57 -22.74 -1.91 -18.12
N LEU B 58 -21.71 -2.66 -17.74
CA LEU B 58 -21.09 -2.48 -16.43
C LEU B 58 -20.50 -1.08 -16.36
N TYR B 59 -20.01 -0.63 -17.50
CA TYR B 59 -19.47 0.71 -17.68
C TYR B 59 -20.46 1.79 -17.22
N ALA B 60 -21.64 1.83 -17.84
CA ALA B 60 -22.66 2.81 -17.48
C ALA B 60 -23.16 2.63 -16.05
N GLU B 61 -23.24 1.39 -15.59
CA GLU B 61 -23.63 1.12 -14.19
C GLU B 61 -22.67 1.77 -13.20
N VAL B 62 -21.38 1.55 -13.41
CA VAL B 62 -20.36 2.10 -12.53
C VAL B 62 -20.39 3.63 -12.56
N ARG B 63 -20.50 4.22 -13.73
CA ARG B 63 -20.56 5.67 -13.83
C ARG B 63 -21.81 6.19 -13.14
N ASN B 64 -22.94 5.50 -13.34
CA ASN B 64 -24.17 5.91 -12.68
C ASN B 64 -24.04 5.79 -11.17
N TRP B 65 -23.37 4.73 -10.74
CA TRP B 65 -23.06 4.53 -9.33
C TRP B 65 -22.28 5.71 -8.77
N VAL B 66 -21.20 6.10 -9.42
CA VAL B 66 -20.43 7.23 -8.91
C VAL B 66 -21.28 8.50 -8.93
N ARG B 67 -22.05 8.66 -9.99
CA ARG B 67 -22.87 9.86 -10.14
C ARG B 67 -23.84 10.01 -8.96
N LYS B 68 -24.42 8.90 -8.52
CA LYS B 68 -25.33 8.90 -7.38
C LYS B 68 -24.62 9.06 -6.03
N GLU B 69 -23.47 8.40 -5.88
CA GLU B 69 -22.75 8.41 -4.61
C GLU B 69 -22.07 9.72 -4.33
N ILE B 70 -21.43 10.27 -5.35
CA ILE B 70 -20.63 11.48 -5.19
C ILE B 70 -21.21 12.70 -5.90
N GLY B 71 -21.65 12.50 -7.14
CA GLY B 71 -22.15 13.61 -7.93
C GLY B 71 -21.64 13.59 -9.37
N PRO B 72 -22.35 14.27 -10.28
CA PRO B 72 -21.95 14.22 -11.69
C PRO B 72 -20.56 14.79 -11.92
N LEU B 73 -20.12 15.70 -11.06
CA LEU B 73 -18.81 16.32 -11.26
C LEU B 73 -17.68 15.32 -11.03
N ALA B 74 -17.96 14.23 -10.34
CA ALA B 74 -16.94 13.25 -10.00
C ALA B 74 -16.98 12.00 -10.86
N THR B 75 -17.95 11.91 -11.75
CA THR B 75 -18.06 10.76 -12.64
C THR B 75 -16.82 10.61 -13.51
N PRO B 76 -16.17 9.44 -13.45
CA PRO B 76 -14.98 9.22 -14.29
C PRO B 76 -15.29 9.36 -15.78
N ASP B 77 -14.36 9.97 -16.50
CA ASP B 77 -14.49 10.12 -17.94
C ASP B 77 -14.03 8.86 -18.65
N VAL B 78 -13.06 8.20 -18.06
CA VAL B 78 -12.52 6.96 -18.58
C VAL B 78 -12.53 5.95 -17.45
N LEU B 79 -13.05 4.76 -17.74
CA LEU B 79 -12.93 3.64 -16.83
C LEU B 79 -12.04 2.63 -17.49
N HIS B 80 -10.84 2.46 -16.93
CA HIS B 80 -9.81 1.60 -17.51
C HIS B 80 -9.79 0.30 -16.71
N TRP B 81 -10.49 -0.72 -17.22
CA TRP B 81 -10.51 -2.01 -16.55
C TRP B 81 -9.15 -2.64 -16.69
N THR B 82 -8.67 -3.26 -15.64
CA THR B 82 -7.33 -3.83 -15.67
C THR B 82 -7.21 -4.89 -14.58
N ASP B 83 -6.25 -5.81 -14.74
CA ASP B 83 -5.86 -6.71 -13.67
C ASP B 83 -4.54 -6.20 -13.14
N SER B 84 -4.11 -5.06 -13.64
CA SER B 84 -2.69 -4.73 -13.60
C SER B 84 -2.30 -3.44 -12.92
N LEU B 85 -2.92 -3.09 -11.79
CA LEU B 85 -2.45 -1.89 -11.07
C LEU B 85 -0.98 -2.03 -10.73
N PRO B 86 -0.20 -1.00 -11.03
CA PRO B 86 1.24 -1.02 -10.74
C PRO B 86 1.49 -0.79 -9.26
N LYS B 87 2.19 -1.71 -8.61
CA LYS B 87 2.41 -1.64 -7.16
C LYS B 87 3.87 -1.91 -6.79
N THR B 88 4.32 -1.32 -5.69
CA THR B 88 5.61 -1.65 -5.10
C THR B 88 5.48 -3.03 -4.48
N ARG B 89 6.59 -3.62 -4.07
CA ARG B 89 6.53 -4.97 -3.50
C ARG B 89 5.70 -5.03 -2.20
N SER B 90 5.66 -3.91 -1.46
CA SER B 90 4.84 -3.87 -0.24
C SER B 90 3.35 -3.65 -0.56
N GLY B 91 3.05 -3.49 -1.85
CA GLY B 91 1.68 -3.31 -2.29
C GLY B 91 1.19 -1.88 -2.50
N LYS B 92 2.08 -0.90 -2.42
CA LYS B 92 1.68 0.50 -2.58
C LYS B 92 1.45 0.87 -4.06
N ILE B 93 0.30 1.48 -4.37
CA ILE B 93 0.00 1.88 -5.74
C ILE B 93 0.99 2.92 -6.23
N MET B 94 1.54 2.69 -7.42
CA MET B 94 2.46 3.64 -8.03
C MET B 94 1.70 4.63 -8.89
N ARG B 95 1.13 5.64 -8.23
CA ARG B 95 0.25 6.60 -8.86
C ARG B 95 0.97 7.37 -9.97
N ARG B 96 2.26 7.60 -9.80
CA ARG B 96 3.02 8.38 -10.78
C ARG B 96 3.05 7.68 -12.13
N ILE B 97 3.11 6.36 -12.11
CA ILE B 97 3.10 5.58 -13.34
C ILE B 97 1.72 5.66 -14.00
N LEU B 98 0.68 5.59 -13.18
CA LEU B 98 -0.68 5.70 -13.69
C LEU B 98 -0.91 7.09 -14.34
N ARG B 99 -0.36 8.14 -13.73
CA ARG B 99 -0.54 9.48 -14.28
C ARG B 99 0.11 9.52 -15.65
N LYS B 100 1.33 9.00 -15.76
CA LYS B 100 2.09 9.08 -16.99
C LYS B 100 1.40 8.35 -18.13
N ILE B 101 0.91 7.16 -17.83
CA ILE B 101 0.22 6.36 -18.83
C ILE B 101 -1.09 6.99 -19.29
N ALA B 102 -1.88 7.50 -18.35
CA ALA B 102 -3.14 8.15 -18.74
C ALA B 102 -2.90 9.41 -19.58
N ALA B 103 -1.79 10.11 -19.32
CA ALA B 103 -1.52 11.40 -19.98
C ALA B 103 -0.76 11.24 -21.30
N GLY B 104 -0.34 10.02 -21.61
CA GLY B 104 0.49 9.77 -22.78
C GLY B 104 1.91 10.26 -22.62
N ASP B 105 2.33 10.44 -21.36
CA ASP B 105 3.64 10.99 -21.03
C ASP B 105 4.58 9.82 -20.77
N THR B 106 4.81 9.01 -21.79
CA THR B 106 5.34 7.67 -21.58
C THR B 106 6.74 7.43 -22.15
N SER B 107 7.47 8.50 -22.45
CA SER B 107 8.80 8.31 -23.03
C SER B 107 9.77 7.73 -21.99
N ASN B 108 9.45 7.89 -20.71
CA ASN B 108 10.17 7.16 -19.66
C ASN B 108 9.18 6.47 -18.71
N THR B 114 11.11 0.61 -7.55
CA THR B 114 10.36 -0.05 -6.50
C THR B 114 9.22 -0.89 -7.09
N LEU B 115 9.04 -0.81 -8.40
CA LEU B 115 7.92 -1.49 -9.06
C LEU B 115 8.08 -3.00 -8.97
N ALA B 116 7.05 -3.69 -8.46
CA ALA B 116 7.16 -5.10 -8.18
C ALA B 116 7.21 -5.96 -9.44
N ASP B 117 6.28 -5.70 -10.35
CA ASP B 117 6.17 -6.51 -11.56
C ASP B 117 6.20 -5.59 -12.77
N PRO B 118 7.36 -5.51 -13.43
CA PRO B 118 7.55 -4.66 -14.61
C PRO B 118 6.54 -4.96 -15.71
N GLY B 119 6.14 -6.23 -15.82
CA GLY B 119 5.17 -6.65 -16.81
C GLY B 119 3.84 -5.91 -16.79
N VAL B 120 3.51 -5.23 -15.68
CA VAL B 120 2.23 -4.56 -15.60
C VAL B 120 2.16 -3.35 -16.52
N VAL B 121 3.32 -2.73 -16.78
CA VAL B 121 3.35 -1.51 -17.55
C VAL B 121 2.91 -1.78 -18.98
N GLU B 122 3.48 -2.81 -19.58
CA GLU B 122 3.13 -3.21 -20.93
C GLU B 122 1.63 -3.51 -21.03
N LYS B 123 1.08 -4.20 -20.02
CA LYS B 123 -0.34 -4.51 -20.02
C LYS B 123 -1.20 -3.25 -19.92
N LEU B 124 -0.80 -2.30 -19.06
CA LEU B 124 -1.53 -1.03 -18.96
C LEU B 124 -1.50 -0.24 -20.28
N LEU B 125 -0.34 -0.19 -20.91
CA LEU B 125 -0.19 0.50 -22.19
C LEU B 125 -1.07 -0.12 -23.27
N GLU B 126 -1.18 -1.45 -23.29
CA GLU B 126 -2.03 -2.15 -24.26
C GLU B 126 -3.49 -1.85 -24.04
N GLU B 127 -3.89 -1.90 -22.78
CA GLU B 127 -5.29 -1.65 -22.43
C GLU B 127 -5.68 -0.22 -22.73
N LYS B 128 -4.74 0.71 -22.57
CA LYS B 128 -5.06 2.10 -22.85
C LYS B 128 -5.27 2.34 -24.34
N GLN B 129 -4.49 1.68 -25.20
CA GLN B 129 -4.65 1.86 -26.65
C GLN B 129 -5.91 1.14 -27.12
N ALA B 130 -6.32 0.11 -26.38
CA ALA B 130 -7.62 -0.48 -26.61
C ALA B 130 -8.69 0.33 -25.89
S SO4 C . 5.86 5.56 17.84
O1 SO4 C . 7.10 6.31 17.98
O2 SO4 C . 5.19 6.07 16.65
O3 SO4 C . 6.15 4.17 17.69
O4 SO4 C . 5.07 5.80 19.04
S SO4 D . -1.34 13.19 -0.18
O1 SO4 D . -1.52 14.63 -0.25
O2 SO4 D . -0.89 12.71 -1.47
O3 SO4 D . -0.39 12.89 0.87
O4 SO4 D . -2.62 12.53 0.14
#